data_2C4E
#
_entry.id   2C4E
#
_cell.length_a   64.123
_cell.length_b   148.081
_cell.length_c   41.122
_cell.angle_alpha   90.00
_cell.angle_beta   90.00
_cell.angle_gamma   90.00
#
_symmetry.space_group_name_H-M   'P 21 21 2'
#
loop_
_entity.id
_entity.type
_entity.pdbx_description
1 polymer 'SUGAR KINASE MJ0406'
2 non-polymer 'MAGNESIUM ION'
3 water water
#
_entity_poly.entity_id   1
_entity_poly.type   'polypeptide(L)'
_entity_poly.pdbx_seq_one_letter_code
;MGGKMEKITCVGHTALDYIFNVEKFPEPNTSIQIPSARKYYGGAAANTAVGIKKLGVNSELLSCVGYDFKNSGYERYLKN
LDINISKLYYSEEEETPKAWIFTDKDNNQITFFLWGAAKHYKELNPPNFNTEIVHIATGDPEFNLKCAKKAYGNNLVSFD
PGQDLPQYSKEMLLEIIEHTNFLFMNKHEFERASNLLNFEIDDYLERVDALIVTKGSKGSVIYTKDKKIEIPCIKAGKVI
DPTGAGDSYRAGFLSAYVKGYDLEKCGLIGAATASFVVEAKGCQTNLPTWDKVVERLEKHRI
;
_entity_poly.pdbx_strand_id   A
#
# COMPACT_ATOMS: atom_id res chain seq x y z
N GLY A 2 -0.94 9.44 24.75
CA GLY A 2 0.26 8.58 24.98
C GLY A 2 0.72 7.89 23.72
N GLY A 3 1.03 6.61 23.81
CA GLY A 3 1.27 5.74 22.65
C GLY A 3 0.33 4.55 22.73
N LYS A 4 0.25 3.72 21.68
CA LYS A 4 -0.86 2.76 21.60
C LYS A 4 -0.49 1.26 21.28
N MET A 5 -1.50 0.41 21.07
CA MET A 5 -1.41 -1.10 21.08
C MET A 5 -0.90 -1.87 19.83
N GLU A 6 -0.60 -3.17 20.01
CA GLU A 6 0.15 -4.02 19.03
C GLU A 6 -0.55 -4.38 17.71
N LYS A 7 -0.77 -3.33 16.92
CA LYS A 7 -1.71 -3.43 15.84
C LYS A 7 -1.34 -2.31 14.88
N ILE A 8 -1.80 -2.45 13.66
CA ILE A 8 -1.56 -1.47 12.63
C ILE A 8 -2.89 -1.11 11.99
N THR A 9 -3.12 0.19 11.84
CA THR A 9 -4.26 0.72 11.10
C THR A 9 -3.79 1.05 9.69
N CYS A 10 -4.50 0.56 8.68
CA CYS A 10 -4.23 0.92 7.30
C CYS A 10 -5.37 1.77 6.78
N VAL A 11 -5.02 2.93 6.24
CA VAL A 11 -5.97 3.92 5.79
C VAL A 11 -5.80 4.06 4.28
N GLY A 12 -6.91 4.02 3.57
CA GLY A 12 -6.89 4.25 2.15
C GLY A 12 -7.77 3.27 1.39
N HIS A 13 -7.43 3.08 0.14
CA HIS A 13 -8.29 2.30 -0.75
C HIS A 13 -8.44 0.84 -0.39
N THR A 14 -9.70 0.42 -0.35
CA THR A 14 -10.10 -0.95 -0.53
C THR A 14 -10.85 -1.01 -1.87
N ALA A 15 -10.37 -1.85 -2.79
CA ALA A 15 -10.87 -1.84 -4.16
C ALA A 15 -10.94 -3.23 -4.77
N LEU A 16 -11.74 -3.37 -5.82
CA LEU A 16 -11.78 -4.58 -6.63
C LEU A 16 -11.02 -4.33 -7.92
N ASP A 17 -10.02 -5.16 -8.21
CA ASP A 17 -9.17 -5.03 -9.38
C ASP A 17 -9.61 -6.03 -10.47
N TYR A 18 -9.75 -5.56 -11.70
CA TYR A 18 -10.18 -6.41 -12.81
C TYR A 18 -9.19 -6.34 -13.95
N ILE A 19 -8.65 -7.49 -14.34
CA ILE A 19 -7.66 -7.53 -15.41
C ILE A 19 -8.30 -8.15 -16.65
N PHE A 20 -8.30 -7.36 -17.71
CA PHE A 20 -9.00 -7.68 -18.93
C PHE A 20 -7.97 -7.96 -20.04
N ASN A 21 -7.95 -9.19 -20.54
CA ASN A 21 -6.93 -9.63 -21.49
C ASN A 21 -7.36 -9.43 -22.95
N VAL A 22 -7.02 -8.25 -23.49
CA VAL A 22 -7.33 -7.89 -24.88
C VAL A 22 -6.16 -8.18 -25.82
N GLU A 23 -6.44 -8.18 -27.13
CA GLU A 23 -5.42 -8.40 -28.14
C GLU A 23 -4.70 -7.09 -28.48
N LYS A 24 -5.44 -6.13 -29.03
CA LYS A 24 -4.90 -4.80 -29.33
C LYS A 24 -5.88 -3.68 -28.91
N PHE A 25 -5.33 -2.57 -28.44
CA PHE A 25 -6.15 -1.38 -28.11
C PHE A 25 -6.85 -0.90 -29.39
N PRO A 26 -8.12 -0.51 -29.29
CA PRO A 26 -8.94 -0.24 -30.47
C PRO A 26 -8.78 1.18 -31.02
N GLU A 27 -8.73 1.30 -32.34
CA GLU A 27 -8.69 2.60 -33.00
C GLU A 27 -10.10 3.16 -33.14
N PRO A 28 -10.23 4.44 -33.48
CA PRO A 28 -11.55 5.08 -33.57
C PRO A 28 -12.56 4.26 -34.37
N ASN A 29 -13.72 4.02 -33.79
CA ASN A 29 -14.80 3.30 -34.46
C ASN A 29 -14.44 1.83 -34.73
N THR A 30 -13.96 1.15 -33.69
CA THR A 30 -13.64 -0.28 -33.77
C THR A 30 -13.96 -1.00 -32.45
N SER A 31 -14.31 -2.28 -32.56
CA SER A 31 -14.65 -3.09 -31.38
C SER A 31 -13.82 -4.38 -31.31
N ILE A 32 -12.93 -4.34 -30.33
CA ILE A 32 -12.11 -5.51 -30.05
C ILE A 32 -12.72 -6.11 -28.78
N GLN A 33 -12.33 -7.36 -28.41
CA GLN A 33 -12.95 -7.96 -27.22
C GLN A 33 -12.00 -8.61 -26.22
N ILE A 34 -12.59 -8.93 -25.07
CA ILE A 34 -11.93 -9.54 -23.92
C ILE A 34 -12.77 -10.77 -23.54
N PRO A 35 -12.17 -11.95 -23.42
CA PRO A 35 -12.95 -13.18 -23.19
C PRO A 35 -13.64 -13.17 -21.81
N SER A 36 -12.89 -12.85 -20.78
CA SER A 36 -13.42 -12.75 -19.43
C SER A 36 -12.54 -11.85 -18.60
N ALA A 37 -13.02 -11.56 -17.41
CA ALA A 37 -12.28 -10.69 -16.52
C ALA A 37 -12.48 -11.09 -15.07
N ARG A 38 -11.44 -11.69 -14.48
CA ARG A 38 -11.54 -12.12 -13.10
C ARG A 38 -11.35 -10.88 -12.24
N LYS A 39 -12.05 -10.91 -11.09
CA LYS A 39 -12.00 -9.91 -10.03
C LYS A 39 -10.96 -10.38 -8.98
N TYR A 40 -10.12 -9.45 -8.52
CA TYR A 40 -9.17 -9.72 -7.44
C TYR A 40 -9.38 -8.70 -6.34
N TYR A 41 -9.27 -9.15 -5.10
CA TYR A 41 -9.33 -8.25 -3.97
C TYR A 41 -8.09 -7.36 -3.99
N GLY A 42 -8.31 -6.06 -3.86
CA GLY A 42 -7.24 -5.08 -3.98
C GLY A 42 -7.46 -3.81 -3.19
N GLY A 43 -6.82 -2.74 -3.66
CA GLY A 43 -6.75 -1.47 -2.95
C GLY A 43 -5.51 -1.45 -2.07
N ALA A 44 -4.66 -0.43 -2.21
CA ALA A 44 -3.39 -0.38 -1.46
C ALA A 44 -3.53 -0.54 0.06
N ALA A 45 -4.52 0.08 0.68
CA ALA A 45 -4.71 -0.05 2.12
C ALA A 45 -5.08 -1.48 2.51
N ALA A 46 -6.05 -2.06 1.82
CA ALA A 46 -6.49 -3.42 2.06
C ALA A 46 -5.37 -4.43 1.79
N ASN A 47 -4.65 -4.26 0.70
CA ASN A 47 -3.52 -5.13 0.38
C ASN A 47 -2.56 -5.19 1.56
N THR A 48 -2.22 -4.03 2.06
CA THR A 48 -1.29 -3.92 3.17
C THR A 48 -1.89 -4.56 4.44
N ALA A 49 -3.15 -4.27 4.75
CA ALA A 49 -3.82 -4.81 5.94
C ALA A 49 -3.88 -6.31 5.91
N VAL A 50 -4.20 -6.87 4.74
CA VAL A 50 -4.27 -8.32 4.59
C VAL A 50 -2.88 -8.95 4.70
N GLY A 51 -1.87 -8.34 4.09
CA GLY A 51 -0.50 -8.82 4.22
C GLY A 51 0.00 -8.80 5.66
N ILE A 52 -0.35 -7.75 6.38
CA ILE A 52 0.03 -7.61 7.79
C ILE A 52 -0.60 -8.74 8.59
N LYS A 53 -1.89 -8.98 8.35
CA LYS A 53 -2.63 -10.00 9.10
C LYS A 53 -2.08 -11.39 8.81
N LYS A 54 -1.73 -11.64 7.55
CA LYS A 54 -1.17 -12.92 7.14
C LYS A 54 0.17 -13.19 7.84
N LEU A 55 0.92 -12.12 8.12
CA LEU A 55 2.18 -12.20 8.87
C LEU A 55 2.00 -12.28 10.40
N GLY A 56 0.76 -12.38 10.86
CA GLY A 56 0.49 -12.60 12.27
C GLY A 56 0.40 -11.34 13.11
N VAL A 57 0.12 -10.21 12.47
CA VAL A 57 -0.02 -8.93 13.18
C VAL A 57 -1.44 -8.46 12.95
N ASN A 58 -2.08 -8.01 14.01
CA ASN A 58 -3.48 -7.63 13.93
C ASN A 58 -3.56 -6.32 13.18
N SER A 59 -4.42 -6.26 12.17
CA SER A 59 -4.60 -5.04 11.42
C SER A 59 -6.05 -4.61 11.45
N GLU A 60 -6.25 -3.34 11.20
CA GLU A 60 -7.57 -2.76 11.06
C GLU A 60 -7.55 -1.90 9.82
N LEU A 61 -8.70 -1.75 9.20
CA LEU A 61 -8.81 -1.06 7.93
C LEU A 61 -9.77 0.11 8.02
N LEU A 62 -9.38 1.24 7.47
CA LEU A 62 -10.25 2.41 7.36
C LEU A 62 -10.31 2.77 5.87
N SER A 63 -11.46 2.50 5.26
CA SER A 63 -11.71 2.78 3.86
C SER A 63 -13.17 3.17 3.66
N CYS A 64 -13.45 3.85 2.55
CA CYS A 64 -14.82 4.04 2.07
C CYS A 64 -15.16 2.96 1.03
N VAL A 65 -16.17 2.16 1.34
CA VAL A 65 -16.67 1.13 0.43
C VAL A 65 -18.12 1.43 0.02
N GLY A 66 -18.63 0.70 -0.95
CA GLY A 66 -19.92 1.02 -1.56
C GLY A 66 -21.03 0.04 -1.19
N TYR A 67 -22.20 0.25 -1.80
CA TYR A 67 -23.37 -0.61 -1.59
C TYR A 67 -23.16 -2.05 -2.05
N ASP A 68 -22.18 -2.26 -2.93
CA ASP A 68 -21.84 -3.59 -3.45
C ASP A 68 -20.76 -4.30 -2.63
N PHE A 69 -20.26 -3.63 -1.60
CA PHE A 69 -19.37 -4.27 -0.63
C PHE A 69 -20.18 -5.10 0.35
N LYS A 70 -21.27 -4.52 0.85
CA LYS A 70 -22.16 -5.17 1.83
C LYS A 70 -22.54 -6.59 1.41
N ASN A 71 -22.14 -7.56 2.24
CA ASN A 71 -22.45 -8.98 2.05
C ASN A 71 -21.72 -9.63 0.87
N SER A 72 -20.84 -8.89 0.21
CA SER A 72 -20.20 -9.36 -1.02
C SER A 72 -18.97 -10.19 -0.70
N GLY A 73 -18.33 -10.70 -1.75
CA GLY A 73 -17.18 -11.54 -1.58
C GLY A 73 -16.14 -10.91 -0.67
N TYR A 74 -15.92 -9.61 -0.85
CA TYR A 74 -14.82 -8.94 -0.18
C TYR A 74 -15.05 -8.83 1.34
N GLU A 75 -16.25 -8.48 1.75
CA GLU A 75 -16.56 -8.31 3.17
C GLU A 75 -16.41 -9.60 3.97
N ARG A 76 -16.97 -10.70 3.47
CA ARG A 76 -16.86 -12.01 4.11
C ARG A 76 -15.41 -12.47 4.19
N TYR A 77 -14.68 -12.23 3.11
CA TYR A 77 -13.25 -12.53 2.99
C TYR A 77 -12.42 -11.84 4.08
N LEU A 78 -12.69 -10.55 4.31
CA LEU A 78 -11.98 -9.81 5.34
C LEU A 78 -12.40 -10.27 6.74
N LYS A 79 -13.70 -10.54 6.92
CA LYS A 79 -14.19 -11.01 8.20
C LYS A 79 -13.56 -12.35 8.54
N ASN A 80 -13.41 -13.21 7.52
CA ASN A 80 -12.87 -14.55 7.70
C ASN A 80 -11.38 -14.53 8.04
N LEU A 81 -10.69 -13.48 7.60
CA LEU A 81 -9.28 -13.27 7.95
C LEU A 81 -9.11 -12.55 9.30
N ASP A 82 -10.22 -12.21 9.96
CA ASP A 82 -10.18 -11.54 11.27
C ASP A 82 -9.54 -10.15 11.18
N ILE A 83 -9.79 -9.45 10.08
CA ILE A 83 -9.31 -8.09 9.93
C ILE A 83 -10.43 -7.18 10.44
N ASN A 84 -10.08 -6.32 11.39
CA ASN A 84 -11.03 -5.40 12.02
C ASN A 84 -11.48 -4.39 10.96
N ILE A 85 -12.75 -4.47 10.56
CA ILE A 85 -13.29 -3.56 9.57
C ILE A 85 -14.40 -2.71 10.18
N SER A 86 -14.33 -2.55 11.50
CA SER A 86 -15.26 -1.72 12.27
C SER A 86 -15.25 -0.24 11.84
N LYS A 87 -14.13 0.23 11.27
CA LYS A 87 -14.02 1.63 10.86
C LYS A 87 -14.40 1.88 9.38
N LEU A 88 -14.83 0.85 8.65
CA LEU A 88 -15.22 1.07 7.24
C LEU A 88 -16.47 1.96 7.17
N TYR A 89 -16.46 2.90 6.23
CA TYR A 89 -17.64 3.66 5.87
C TYR A 89 -18.32 2.98 4.70
N TYR A 90 -19.60 2.65 4.86
CA TYR A 90 -20.38 2.01 3.81
C TYR A 90 -21.30 3.03 3.15
N SER A 91 -21.11 3.24 1.85
CA SER A 91 -21.91 4.18 1.09
C SER A 91 -23.22 3.52 0.65
N GLU A 92 -24.31 4.28 0.72
CA GLU A 92 -25.61 3.82 0.23
C GLU A 92 -25.75 4.09 -1.27
N GLU A 93 -25.08 5.14 -1.75
CA GLU A 93 -25.31 5.68 -3.10
C GLU A 93 -24.26 5.25 -4.14
N GLU A 94 -23.00 5.21 -3.72
CA GLU A 94 -21.86 4.93 -4.60
C GLU A 94 -21.53 3.44 -4.54
N GLU A 95 -20.96 2.91 -5.62
CA GLU A 95 -20.27 1.60 -5.58
C GLU A 95 -18.82 1.67 -5.06
N THR A 96 -18.27 0.49 -4.71
CA THR A 96 -16.90 0.33 -4.19
C THR A 96 -15.86 0.74 -5.25
N PRO A 97 -14.76 1.42 -4.89
CA PRO A 97 -13.73 1.76 -5.88
C PRO A 97 -13.24 0.54 -6.67
N LYS A 98 -12.97 0.72 -7.95
CA LYS A 98 -12.55 -0.38 -8.83
C LYS A 98 -11.46 0.06 -9.79
N ALA A 99 -10.55 -0.86 -10.12
CA ALA A 99 -9.50 -0.60 -11.11
C ALA A 99 -9.71 -1.53 -12.30
N TRP A 100 -10.01 -0.94 -13.46
CA TRP A 100 -10.24 -1.66 -14.73
C TRP A 100 -9.02 -1.59 -15.64
N ILE A 101 -8.28 -2.71 -15.72
CA ILE A 101 -6.94 -2.72 -16.30
C ILE A 101 -6.95 -3.49 -17.60
N PHE A 102 -6.90 -2.76 -18.70
CA PHE A 102 -6.75 -3.38 -20.00
C PHE A 102 -5.27 -3.62 -20.28
N THR A 103 -4.93 -4.90 -20.62
CA THR A 103 -3.55 -5.35 -20.87
C THR A 103 -3.46 -6.05 -22.23
N ASP A 104 -2.33 -5.86 -22.92
CA ASP A 104 -2.19 -6.31 -24.32
C ASP A 104 -1.46 -7.64 -24.45
N LYS A 105 -1.04 -7.96 -25.68
CA LYS A 105 -0.39 -9.23 -25.99
C LYS A 105 1.12 -9.25 -25.71
N ASP A 106 1.74 -8.07 -25.75
CA ASP A 106 3.17 -7.97 -25.44
C ASP A 106 3.36 -7.71 -23.95
N ASN A 107 2.26 -7.40 -23.29
CA ASN A 107 2.13 -7.14 -21.84
C ASN A 107 2.28 -5.68 -21.45
N ASN A 108 1.72 -4.79 -22.22
CA ASN A 108 1.71 -3.39 -21.86
C ASN A 108 0.35 -3.05 -21.24
N GLN A 109 0.35 -2.40 -20.08
CA GLN A 109 -0.89 -2.20 -19.33
C GLN A 109 -1.37 -0.75 -19.36
N ILE A 110 -2.64 -0.58 -19.72
CA ILE A 110 -3.32 0.71 -19.58
C ILE A 110 -4.44 0.57 -18.54
N THR A 111 -4.44 1.44 -17.54
CA THR A 111 -5.32 1.27 -16.39
C THR A 111 -6.33 2.41 -16.21
N PHE A 112 -7.26 2.21 -15.31
CA PHE A 112 -8.27 3.20 -14.91
C PHE A 112 -8.70 2.94 -13.46
N PHE A 113 -9.06 4.00 -12.73
CA PHE A 113 -9.51 3.84 -11.33
C PHE A 113 -10.84 4.54 -11.09
N LEU A 114 -11.89 3.76 -10.86
CA LEU A 114 -13.20 4.29 -10.54
C LEU A 114 -13.23 4.76 -9.07
N TRP A 115 -13.34 6.07 -8.89
CA TRP A 115 -13.30 6.71 -7.58
C TRP A 115 -14.44 6.24 -6.67
N GLY A 116 -15.67 6.24 -7.21
CA GLY A 116 -16.84 5.72 -6.51
C GLY A 116 -17.04 6.28 -5.10
N ALA A 117 -17.06 5.38 -4.11
CA ALA A 117 -17.32 5.70 -2.70
C ALA A 117 -16.22 6.50 -2.01
N ALA A 118 -15.02 6.54 -2.61
CA ALA A 118 -13.95 7.43 -2.13
C ALA A 118 -14.36 8.91 -2.13
N LYS A 119 -15.43 9.26 -2.85
CA LYS A 119 -15.97 10.62 -2.77
C LYS A 119 -16.33 11.01 -1.33
N HIS A 120 -16.59 10.01 -0.48
CA HIS A 120 -17.04 10.27 0.88
C HIS A 120 -15.94 10.73 1.84
N TYR A 121 -14.65 10.50 1.52
CA TYR A 121 -13.59 10.95 2.44
C TYR A 121 -13.70 12.42 2.80
N LYS A 122 -14.03 13.28 1.84
CA LYS A 122 -14.13 14.73 2.13
C LYS A 122 -15.29 15.08 3.09
N GLU A 123 -16.23 14.16 3.27
CA GLU A 123 -17.31 14.33 4.23
C GLU A 123 -16.94 13.88 5.65
N LEU A 124 -15.81 13.17 5.77
CA LEU A 124 -15.45 12.49 7.01
C LEU A 124 -14.22 13.10 7.68
N ASN A 125 -14.05 12.75 8.95
CA ASN A 125 -12.85 13.08 9.69
C ASN A 125 -12.35 11.81 10.36
N PRO A 126 -11.04 11.68 10.52
CA PRO A 126 -10.48 10.46 11.13
C PRO A 126 -10.85 10.29 12.60
N PRO A 127 -10.99 9.05 13.06
CA PRO A 127 -11.17 8.80 14.49
C PRO A 127 -9.83 8.85 15.18
N ASN A 128 -9.84 8.82 16.51
CA ASN A 128 -8.62 8.53 17.24
C ASN A 128 -8.21 7.09 16.90
N PHE A 129 -6.92 6.87 16.77
CA PHE A 129 -6.35 5.58 16.51
C PHE A 129 -5.66 5.12 17.78
N ASN A 130 -5.84 3.85 18.13
CA ASN A 130 -5.20 3.29 19.29
C ASN A 130 -4.13 2.28 18.94
N THR A 131 -3.70 2.30 17.69
CA THR A 131 -2.72 1.35 17.18
C THR A 131 -1.29 1.86 17.28
N GLU A 132 -0.32 0.96 17.22
CA GLU A 132 1.08 1.34 17.26
C GLU A 132 1.50 2.12 16.02
N ILE A 133 0.97 1.71 14.86
CA ILE A 133 1.27 2.36 13.57
C ILE A 133 0.00 2.64 12.83
N VAL A 134 -0.09 3.84 12.27
CA VAL A 134 -1.13 4.19 11.32
C VAL A 134 -0.42 4.32 9.97
N HIS A 135 -0.75 3.41 9.05
CA HIS A 135 -0.16 3.43 7.73
C HIS A 135 -1.15 4.01 6.74
N ILE A 136 -0.69 5.04 6.02
CA ILE A 136 -1.50 5.86 5.15
C ILE A 136 -1.06 5.59 3.72
N ALA A 137 -1.91 4.88 3.01
CA ALA A 137 -1.67 4.50 1.65
C ALA A 137 -2.46 5.41 0.72
N THR A 138 -2.50 5.08 -0.56
CA THR A 138 -3.22 5.93 -1.49
C THR A 138 -4.69 6.00 -1.11
N GLY A 139 -5.30 7.14 -1.39
CA GLY A 139 -6.65 7.40 -0.96
C GLY A 139 -7.02 8.81 -1.31
N ASP A 140 -7.58 9.52 -0.34
CA ASP A 140 -7.92 10.92 -0.50
C ASP A 140 -6.85 11.72 0.22
N PRO A 141 -6.06 12.49 -0.50
CA PRO A 141 -4.94 13.22 0.12
C PRO A 141 -5.35 14.12 1.29
N GLU A 142 -6.48 14.81 1.20
CA GLU A 142 -6.88 15.71 2.29
C GLU A 142 -7.21 14.90 3.54
N PHE A 143 -7.92 13.79 3.36
CA PHE A 143 -8.26 12.94 4.51
C PHE A 143 -6.97 12.31 5.04
N ASN A 144 -6.07 11.94 4.14
CA ASN A 144 -4.81 11.31 4.54
C ASN A 144 -3.96 12.27 5.37
N LEU A 145 -3.92 13.54 4.97
CA LEU A 145 -3.21 14.53 5.78
C LEU A 145 -3.88 14.68 7.15
N LYS A 146 -5.21 14.71 7.20
CA LYS A 146 -5.89 14.77 8.49
C LYS A 146 -5.46 13.61 9.37
N CYS A 147 -5.35 12.42 8.78
CA CYS A 147 -4.95 11.23 9.52
C CYS A 147 -3.54 11.38 10.08
N ALA A 148 -2.62 11.86 9.24
CA ALA A 148 -1.22 12.04 9.65
C ALA A 148 -1.15 13.05 10.76
N LYS A 149 -1.85 14.16 10.62
CA LYS A 149 -1.76 15.25 11.61
C LYS A 149 -2.42 14.85 12.94
N LYS A 150 -3.47 14.04 12.90
CA LYS A 150 -4.09 13.55 14.13
C LYS A 150 -3.27 12.48 14.85
N ALA A 151 -2.66 11.60 14.08
CA ALA A 151 -1.92 10.46 14.62
C ALA A 151 -0.53 10.84 15.07
N TYR A 152 0.12 11.76 14.36
CA TYR A 152 1.53 12.02 14.65
C TYR A 152 1.71 12.50 16.09
N GLY A 153 2.68 11.91 16.76
CA GLY A 153 2.97 12.22 18.14
C GLY A 153 2.18 11.37 19.10
N ASN A 154 1.37 10.46 18.56
CA ASN A 154 0.58 9.52 19.35
C ASN A 154 0.91 8.14 18.78
N ASN A 155 0.44 7.86 17.58
CA ASN A 155 0.77 6.65 16.85
C ASN A 155 1.95 6.94 15.93
N LEU A 156 2.74 5.92 15.60
CA LEU A 156 3.73 6.10 14.56
C LEU A 156 2.99 6.22 13.23
N VAL A 157 3.38 7.16 12.41
CA VAL A 157 2.78 7.35 11.11
C VAL A 157 3.68 6.81 10.03
N SER A 158 3.12 5.96 9.19
CA SER A 158 3.77 5.45 7.99
C SER A 158 3.00 5.99 6.79
N PHE A 159 3.71 6.42 5.75
CA PHE A 159 3.09 7.10 4.61
C PHE A 159 3.83 6.75 3.33
N ASP A 160 3.09 6.49 2.28
CA ASP A 160 3.68 6.42 0.96
C ASP A 160 2.73 7.14 0.03
N PRO A 161 3.16 8.25 -0.57
CA PRO A 161 2.27 8.99 -1.48
C PRO A 161 1.86 8.16 -2.70
N GLY A 162 2.69 7.20 -3.11
CA GLY A 162 2.41 6.34 -4.24
C GLY A 162 1.96 7.10 -5.48
N GLN A 163 0.95 6.57 -6.15
CA GLN A 163 0.43 7.18 -7.38
C GLN A 163 -0.37 8.47 -7.13
N ASP A 164 -0.68 8.76 -5.87
CA ASP A 164 -1.27 10.04 -5.48
C ASP A 164 -0.26 11.18 -5.52
N LEU A 165 1.03 10.89 -5.66
CA LEU A 165 2.07 11.92 -5.49
C LEU A 165 1.85 13.23 -6.28
N PRO A 166 1.46 13.16 -7.56
CA PRO A 166 1.16 14.36 -8.34
C PRO A 166 0.13 15.33 -7.74
N GLN A 167 -0.78 14.83 -6.91
CA GLN A 167 -1.83 15.65 -6.28
C GLN A 167 -1.36 16.53 -5.13
N TYR A 168 -0.15 16.27 -4.65
CA TYR A 168 0.41 17.05 -3.55
C TYR A 168 1.24 18.20 -4.08
N SER A 169 0.88 19.42 -3.67
CA SER A 169 1.70 20.59 -3.90
C SER A 169 2.95 20.49 -3.06
N LYS A 170 3.95 21.30 -3.40
CA LYS A 170 5.14 21.42 -2.57
C LYS A 170 4.74 21.56 -1.09
N GLU A 171 3.75 22.40 -0.82
CA GLU A 171 3.37 22.77 0.56
C GLU A 171 2.68 21.64 1.31
N MET A 172 1.76 20.96 0.64
CA MET A 172 1.04 19.87 1.22
C MET A 172 1.92 18.64 1.44
N LEU A 173 2.82 18.38 0.51
CA LEU A 173 3.75 17.26 0.66
C LEU A 173 4.68 17.48 1.83
N LEU A 174 5.15 18.72 1.99
CA LEU A 174 6.02 19.06 3.09
C LEU A 174 5.24 18.84 4.38
N GLU A 175 3.99 19.27 4.40
CA GLU A 175 3.17 19.13 5.62
C GLU A 175 2.94 17.68 6.04
N ILE A 176 2.59 16.79 5.12
CA ILE A 176 2.36 15.41 5.52
C ILE A 176 3.67 14.72 5.93
N ILE A 177 4.77 15.04 5.24
CA ILE A 177 6.07 14.48 5.57
C ILE A 177 6.52 14.94 6.97
N GLU A 178 6.11 16.15 7.37
CA GLU A 178 6.50 16.67 8.66
C GLU A 178 5.73 15.92 9.75
N HIS A 179 4.69 15.20 9.35
CA HIS A 179 3.90 14.34 10.26
C HIS A 179 4.03 12.87 9.94
N THR A 180 5.19 12.50 9.41
CA THR A 180 5.46 11.11 9.04
C THR A 180 6.69 10.60 9.80
N ASN A 181 6.59 9.39 10.33
CA ASN A 181 7.74 8.68 10.92
C ASN A 181 8.45 7.80 9.90
N PHE A 182 7.73 6.96 9.17
CA PHE A 182 8.30 6.11 8.13
C PHE A 182 7.74 6.57 6.81
N LEU A 183 8.62 7.04 5.92
CA LEU A 183 8.25 7.49 4.59
C LEU A 183 8.77 6.51 3.57
N PHE A 184 7.85 5.91 2.84
CA PHE A 184 8.16 4.98 1.76
C PHE A 184 7.91 5.65 0.41
N MET A 185 8.84 5.50 -0.52
CA MET A 185 8.63 5.92 -1.89
C MET A 185 9.41 5.02 -2.82
N ASN A 186 8.84 4.73 -3.97
CA ASN A 186 9.60 4.12 -5.04
C ASN A 186 10.57 5.16 -5.60
N LYS A 187 11.62 4.69 -6.27
CA LYS A 187 12.70 5.58 -6.70
C LYS A 187 12.25 6.72 -7.61
N HIS A 188 11.35 6.45 -8.55
N HIS A 188 11.35 6.45 -8.56
CA HIS A 188 10.87 7.47 -9.47
CA HIS A 188 10.87 7.50 -9.47
C HIS A 188 10.12 8.56 -8.71
C HIS A 188 10.15 8.59 -8.68
N GLU A 189 9.34 8.15 -7.73
CA GLU A 189 8.50 9.05 -6.96
C GLU A 189 9.42 9.84 -6.02
N PHE A 190 10.45 9.18 -5.49
CA PHE A 190 11.43 9.84 -4.63
C PHE A 190 12.15 10.97 -5.42
N GLU A 191 12.56 10.69 -6.65
CA GLU A 191 13.26 11.69 -7.44
C GLU A 191 12.29 12.85 -7.68
N ARG A 192 11.01 12.55 -7.91
CA ARG A 192 10.04 13.59 -8.26
C ARG A 192 9.75 14.46 -7.04
N ALA A 193 9.58 13.80 -5.90
CA ALA A 193 9.32 14.46 -4.64
C ALA A 193 10.51 15.33 -4.25
N SER A 194 11.72 14.83 -4.48
CA SER A 194 12.94 15.53 -4.08
C SER A 194 13.15 16.76 -4.92
N ASN A 195 12.87 16.65 -6.22
CA ASN A 195 12.93 17.79 -7.13
C ASN A 195 11.88 18.84 -6.74
N LEU A 196 10.68 18.39 -6.41
CA LEU A 196 9.61 19.32 -6.01
C LEU A 196 9.95 20.07 -4.72
N LEU A 197 10.48 19.34 -3.73
CA LEU A 197 10.79 19.91 -2.41
C LEU A 197 12.16 20.61 -2.32
N ASN A 198 12.99 20.46 -3.36
CA ASN A 198 14.43 20.74 -3.29
C ASN A 198 15.05 20.08 -2.06
N PHE A 199 14.70 18.81 -1.86
CA PHE A 199 15.23 18.03 -0.74
C PHE A 199 16.32 17.08 -1.18
N GLU A 200 17.37 17.01 -0.37
CA GLU A 200 18.30 15.90 -0.38
C GLU A 200 17.90 14.98 0.78
N ILE A 201 18.56 13.84 0.87
CA ILE A 201 18.23 12.83 1.88
C ILE A 201 18.22 13.44 3.28
N ASP A 202 19.20 14.28 3.59
CA ASP A 202 19.34 14.84 4.93
C ASP A 202 18.16 15.75 5.29
N ASP A 203 17.58 16.41 4.28
CA ASP A 203 16.35 17.19 4.50
C ASP A 203 15.16 16.34 4.90
N TYR A 204 14.99 15.17 4.27
CA TYR A 204 13.96 14.24 4.73
C TYR A 204 14.21 13.83 6.15
N LEU A 205 15.47 13.56 6.47
CA LEU A 205 15.79 12.99 7.78
C LEU A 205 15.69 14.01 8.92
N GLU A 206 15.60 15.30 8.59
CA GLU A 206 15.27 16.29 9.61
C GLU A 206 13.80 16.19 10.01
N ARG A 207 12.99 15.53 9.17
CA ARG A 207 11.55 15.45 9.38
C ARG A 207 11.03 14.07 9.73
N VAL A 208 11.63 13.02 9.16
CA VAL A 208 11.16 11.65 9.35
C VAL A 208 12.21 10.82 10.09
N ASP A 209 11.79 9.69 10.64
CA ASP A 209 12.71 8.79 11.30
C ASP A 209 13.40 7.83 10.34
N ALA A 210 12.69 7.42 9.30
CA ALA A 210 13.22 6.51 8.30
C ALA A 210 12.60 6.82 6.97
N LEU A 211 13.47 6.92 5.96
CA LEU A 211 13.08 7.08 4.59
C LEU A 211 13.47 5.78 3.89
N ILE A 212 12.50 5.13 3.28
CA ILE A 212 12.69 3.86 2.63
C ILE A 212 12.40 4.04 1.16
N VAL A 213 13.44 3.91 0.36
CA VAL A 213 13.33 4.03 -1.08
C VAL A 213 13.40 2.64 -1.68
N THR A 214 12.32 2.23 -2.31
CA THR A 214 12.24 0.92 -2.92
C THR A 214 12.53 1.02 -4.40
N LYS A 215 13.29 0.05 -4.89
CA LYS A 215 13.77 0.02 -6.27
C LYS A 215 13.41 -1.33 -6.93
N GLY A 216 12.40 -2.01 -6.40
CA GLY A 216 11.93 -3.27 -6.97
C GLY A 216 12.98 -4.37 -7.08
N SER A 217 13.39 -4.67 -8.31
CA SER A 217 14.33 -5.77 -8.57
C SER A 217 15.78 -5.42 -8.17
N LYS A 218 16.05 -4.13 -7.96
CA LYS A 218 17.35 -3.68 -7.44
C LYS A 218 17.34 -3.49 -5.91
N GLY A 219 16.30 -3.98 -5.25
CA GLY A 219 16.25 -3.96 -3.79
C GLY A 219 15.65 -2.67 -3.23
N SER A 220 16.13 -2.28 -2.06
CA SER A 220 15.66 -1.06 -1.40
C SER A 220 16.77 -0.51 -0.53
N VAL A 221 16.58 0.70 -0.07
CA VAL A 221 17.53 1.33 0.84
C VAL A 221 16.75 2.03 1.95
N ILE A 222 17.23 1.86 3.18
CA ILE A 222 16.68 2.53 4.33
C ILE A 222 17.66 3.60 4.80
N TYR A 223 17.21 4.84 4.91
CA TYR A 223 18.04 5.92 5.42
C TYR A 223 17.50 6.34 6.77
N THR A 224 18.38 6.40 7.76
CA THR A 224 18.08 7.07 9.02
C THR A 224 19.14 8.13 9.27
N LYS A 225 19.02 8.86 10.36
CA LYS A 225 20.01 9.88 10.71
C LYS A 225 21.39 9.26 10.88
N ASP A 226 21.42 8.07 11.46
CA ASP A 226 22.66 7.39 11.83
C ASP A 226 23.26 6.52 10.73
N LYS A 227 22.43 6.09 9.77
CA LYS A 227 22.79 4.93 8.93
C LYS A 227 22.13 4.93 7.54
N LYS A 228 22.80 4.34 6.56
CA LYS A 228 22.19 3.95 5.30
C LYS A 228 22.29 2.42 5.18
N ILE A 229 21.15 1.76 5.04
CA ILE A 229 21.06 0.31 5.04
C ILE A 229 20.60 -0.19 3.69
N GLU A 230 21.45 -0.98 3.04
CA GLU A 230 21.12 -1.54 1.74
C GLU A 230 20.48 -2.91 1.90
N ILE A 231 19.30 -3.07 1.31
CA ILE A 231 18.52 -4.29 1.39
C ILE A 231 18.49 -4.90 -0.01
N PRO A 232 18.94 -6.14 -0.18
CA PRO A 232 18.87 -6.75 -1.50
C PRO A 232 17.46 -7.15 -1.86
N CYS A 233 17.24 -7.34 -3.15
CA CYS A 233 16.05 -7.98 -3.66
C CYS A 233 16.16 -9.47 -3.35
N ILE A 234 15.06 -10.10 -2.97
CA ILE A 234 15.03 -11.53 -2.69
C ILE A 234 14.42 -12.22 -3.91
N LYS A 235 15.17 -13.16 -4.48
CA LYS A 235 14.73 -13.84 -5.70
C LYS A 235 13.44 -14.65 -5.48
N ALA A 236 12.46 -14.39 -6.33
CA ALA A 236 11.20 -15.16 -6.33
C ALA A 236 11.37 -16.40 -7.21
N GLY A 237 10.34 -17.23 -7.26
CA GLY A 237 10.33 -18.42 -8.09
C GLY A 237 10.12 -18.10 -9.56
N LYS A 238 9.09 -17.31 -9.84
CA LYS A 238 8.75 -16.87 -11.20
C LYS A 238 7.72 -15.73 -11.15
N VAL A 239 8.07 -14.58 -11.74
CA VAL A 239 7.23 -13.38 -11.66
C VAL A 239 6.02 -13.45 -12.59
N ILE A 240 4.82 -13.62 -12.01
CA ILE A 240 3.56 -13.60 -12.75
C ILE A 240 2.88 -12.23 -12.73
N ASP A 241 2.91 -11.56 -11.58
CA ASP A 241 2.20 -10.29 -11.41
C ASP A 241 2.93 -9.39 -10.41
N PRO A 242 3.52 -8.28 -10.89
CA PRO A 242 4.28 -7.38 -10.01
C PRO A 242 3.42 -6.39 -9.21
N THR A 243 2.10 -6.40 -9.42
CA THR A 243 1.21 -5.34 -8.93
C THR A 243 1.16 -5.23 -7.41
N GLY A 244 1.14 -6.36 -6.73
CA GLY A 244 1.03 -6.39 -5.28
C GLY A 244 2.34 -6.24 -4.51
N ALA A 245 3.46 -6.18 -5.21
CA ALA A 245 4.78 -6.24 -4.61
C ALA A 245 5.07 -5.09 -3.65
N GLY A 246 4.80 -3.86 -4.07
CA GLY A 246 5.04 -2.70 -3.22
C GLY A 246 4.27 -2.75 -1.91
N ASP A 247 2.97 -3.01 -1.97
CA ASP A 247 2.16 -3.02 -0.76
C ASP A 247 2.63 -4.13 0.17
N SER A 248 3.05 -5.25 -0.41
CA SER A 248 3.51 -6.38 0.38
C SER A 248 4.84 -6.11 1.08
N TYR A 249 5.72 -5.33 0.45
CA TYR A 249 6.96 -4.92 1.09
C TYR A 249 6.65 -4.07 2.31
N ARG A 250 5.74 -3.12 2.16
CA ARG A 250 5.32 -2.30 3.29
C ARG A 250 4.66 -3.13 4.38
N ALA A 251 3.81 -4.09 4.01
CA ALA A 251 3.19 -5.00 4.96
C ALA A 251 4.24 -5.75 5.77
N GLY A 252 5.25 -6.28 5.09
CA GLY A 252 6.32 -7.01 5.75
C GLY A 252 7.15 -6.13 6.65
N PHE A 253 7.52 -4.95 6.15
CA PHE A 253 8.38 -4.01 6.87
C PHE A 253 7.71 -3.59 8.18
N LEU A 254 6.46 -3.16 8.08
CA LEU A 254 5.72 -2.66 9.24
C LEU A 254 5.37 -3.79 10.22
N SER A 255 5.10 -4.98 9.71
CA SER A 255 4.83 -6.13 10.57
C SER A 255 6.06 -6.47 11.41
N ALA A 256 7.21 -6.51 10.74
CA ALA A 256 8.49 -6.75 11.40
C ALA A 256 8.76 -5.67 12.42
N TYR A 257 8.41 -4.43 12.10
CA TYR A 257 8.65 -3.36 13.04
C TYR A 257 7.85 -3.56 14.33
N VAL A 258 6.56 -3.86 14.18
CA VAL A 258 5.68 -4.10 15.33
C VAL A 258 6.15 -5.31 16.11
N LYS A 259 6.71 -6.29 15.40
CA LYS A 259 7.22 -7.50 16.04
C LYS A 259 8.58 -7.26 16.73
N GLY A 260 9.16 -6.07 16.56
CA GLY A 260 10.26 -5.61 17.39
C GLY A 260 11.65 -5.86 16.84
N TYR A 261 11.76 -5.99 15.52
CA TYR A 261 13.05 -6.20 14.89
C TYR A 261 13.66 -4.86 14.48
N ASP A 262 14.97 -4.87 14.25
CA ASP A 262 15.69 -3.67 13.82
C ASP A 262 15.33 -3.36 12.36
N LEU A 263 15.64 -2.14 11.92
CA LEU A 263 15.15 -1.70 10.62
C LEU A 263 15.73 -2.52 9.49
N GLU A 264 16.97 -2.98 9.61
CA GLU A 264 17.53 -3.82 8.56
C GLU A 264 16.69 -5.07 8.40
N LYS A 265 16.38 -5.75 9.49
CA LYS A 265 15.54 -6.95 9.40
C LYS A 265 14.15 -6.61 8.88
N CYS A 266 13.63 -5.44 9.23
CA CYS A 266 12.35 -5.01 8.67
C CYS A 266 12.44 -4.95 7.16
N GLY A 267 13.53 -4.39 6.65
CA GLY A 267 13.74 -4.30 5.22
C GLY A 267 13.80 -5.66 4.56
N LEU A 268 14.53 -6.59 5.19
CA LEU A 268 14.71 -7.94 4.67
C LEU A 268 13.40 -8.71 4.66
N ILE A 269 12.59 -8.55 5.71
CA ILE A 269 11.28 -9.15 5.73
C ILE A 269 10.38 -8.55 4.64
N GLY A 270 10.43 -7.23 4.45
CA GLY A 270 9.68 -6.60 3.39
C GLY A 270 10.04 -7.20 2.03
N ALA A 271 11.34 -7.31 1.79
CA ALA A 271 11.87 -7.88 0.54
C ALA A 271 11.40 -9.33 0.36
N ALA A 272 11.51 -10.12 1.42
CA ALA A 272 11.11 -11.53 1.35
C ALA A 272 9.61 -11.65 1.11
N THR A 273 8.82 -10.80 1.75
CA THR A 273 7.38 -10.83 1.56
C THR A 273 7.01 -10.53 0.13
N ALA A 274 7.62 -9.49 -0.43
CA ALA A 274 7.37 -9.08 -1.82
C ALA A 274 7.70 -10.18 -2.81
N SER A 275 8.68 -11.02 -2.47
CA SER A 275 9.10 -12.10 -3.36
C SER A 275 8.03 -13.17 -3.50
N PHE A 276 7.13 -13.31 -2.52
CA PHE A 276 6.02 -14.26 -2.61
C PHE A 276 4.86 -13.72 -3.45
N VAL A 277 4.53 -12.46 -3.25
CA VAL A 277 3.31 -11.90 -3.84
C VAL A 277 3.41 -11.83 -5.36
N VAL A 278 4.61 -11.53 -5.86
CA VAL A 278 4.83 -11.49 -7.30
C VAL A 278 4.69 -12.84 -8.02
N GLU A 279 4.53 -13.93 -7.28
CA GLU A 279 4.44 -15.27 -7.89
C GLU A 279 3.05 -15.64 -8.39
N ALA A 280 2.06 -14.80 -8.12
CA ALA A 280 0.68 -15.05 -8.57
C ALA A 280 -0.06 -13.77 -8.92
N LYS A 281 -1.15 -13.92 -9.69
CA LYS A 281 -1.97 -12.80 -10.08
C LYS A 281 -2.86 -12.38 -8.93
N GLY A 282 -2.96 -11.09 -8.72
CA GLY A 282 -3.72 -10.52 -7.62
C GLY A 282 -2.78 -10.10 -6.52
N CYS A 283 -3.12 -9.00 -5.87
CA CYS A 283 -2.26 -8.41 -4.85
C CYS A 283 -2.28 -9.15 -3.53
N GLN A 284 -3.32 -9.94 -3.30
CA GLN A 284 -3.45 -10.65 -2.03
C GLN A 284 -3.41 -12.17 -2.17
N THR A 285 -3.31 -12.66 -3.40
CA THR A 285 -3.50 -14.09 -3.65
C THR A 285 -2.41 -14.97 -3.04
N ASN A 286 -1.15 -14.54 -3.10
CA ASN A 286 -0.03 -15.35 -2.59
C ASN A 286 0.69 -14.68 -1.44
N LEU A 287 -0.07 -14.04 -0.56
CA LEU A 287 0.53 -13.41 0.62
C LEU A 287 1.02 -14.49 1.58
N PRO A 288 2.28 -14.40 1.99
CA PRO A 288 2.87 -15.45 2.83
C PRO A 288 2.62 -15.29 4.33
N THR A 289 2.81 -16.39 5.05
CA THR A 289 2.86 -16.37 6.50
C THR A 289 4.23 -15.93 6.98
N TRP A 290 4.31 -15.61 8.26
CA TRP A 290 5.56 -15.18 8.88
C TRP A 290 6.64 -16.25 8.78
N ASP A 291 6.31 -17.47 9.16
CA ASP A 291 7.31 -18.53 9.13
C ASP A 291 7.80 -18.80 7.72
N LYS A 292 6.92 -18.67 6.73
CA LYS A 292 7.32 -18.88 5.34
C LYS A 292 8.28 -17.79 4.85
N VAL A 293 8.06 -16.55 5.30
CA VAL A 293 8.93 -15.45 4.95
C VAL A 293 10.29 -15.62 5.61
N VAL A 294 10.29 -15.99 6.88
CA VAL A 294 11.56 -16.21 7.58
C VAL A 294 12.36 -17.32 6.89
N GLU A 295 11.66 -18.37 6.47
CA GLU A 295 12.30 -19.52 5.80
C GLU A 295 12.96 -19.11 4.49
N ARG A 296 12.32 -18.21 3.76
CA ARG A 296 12.85 -17.81 2.45
C ARG A 296 14.11 -16.96 2.59
N LEU A 297 14.13 -16.07 3.59
CA LEU A 297 15.34 -15.31 3.93
C LEU A 297 16.49 -16.18 4.39
N GLU A 298 16.15 -17.33 4.98
CA GLU A 298 17.16 -18.27 5.46
C GLU A 298 17.91 -18.87 4.28
N LYS A 299 17.24 -18.96 3.13
CA LYS A 299 17.85 -19.44 1.89
C LYS A 299 18.62 -18.36 1.10
N HIS A 300 18.19 -17.10 1.21
CA HIS A 300 18.72 -16.01 0.36
C HIS A 300 19.48 -14.97 1.16
#